data_2DC8
#
_entry.id   2DC8
#
_cell.length_a   72.320
_cell.length_b   72.320
_cell.length_c   140.110
_cell.angle_alpha   90.00
_cell.angle_beta   90.00
_cell.angle_gamma   90.00
#
_symmetry.space_group_name_H-M   'P 43 21 2'
#
loop_
_entity.id
_entity.type
_entity.pdbx_description
1 polymer 'CATHEPSIN B'
2 non-polymer 'PHOSPHATE ION'
3 non-polymer N-{[(2S,3S)-3-(ETHOXYCARBONYL)OXIRAN-2-YL]CARBONYL}-L-ISOLEUCINE
4 non-polymer GLYCEROL
5 water water
#
_entity_poly.entity_id   1
_entity_poly.type   'polypeptide(L)'
_entity_poly.pdbx_seq_one_letter_code
;LPESFDAREQWPNCPTIKEIRDQGSCGSCWAFGAVEAISDRICIHSNGRVNVEVSAEDMLTCCGGECGDGCNGGFPSGAW
NFWTKKGLVSGGLYNSHVGCRPYSIPPCEHHVNGSRPPCTGEGDTPKCSKTCEPGYSPSYKEDKHFGCSSYSVANNEKEI
MAEIYKNGPVEGAFSVYSDFLLYKSGVYQHVSGEIMGGHAIRILGWGVENGTPYWLVGNSWNTDWGDNGFFKILRGQDHC
GIESEIVAGMPCTHQY
;
_entity_poly.pdbx_strand_id   A
#
# COMPACT_ATOMS: atom_id res chain seq x y z
N LEU A 1 20.88 -13.82 2.16
CA LEU A 1 20.15 -12.54 2.40
C LEU A 1 20.79 -11.74 3.52
N PRO A 2 20.86 -10.41 3.36
CA PRO A 2 21.45 -9.52 4.36
C PRO A 2 20.61 -9.48 5.63
N GLU A 3 21.23 -9.05 6.72
CA GLU A 3 20.54 -8.96 8.01
C GLU A 3 19.46 -7.87 7.97
N SER A 4 19.68 -6.86 7.15
CA SER A 4 18.75 -5.75 7.00
C SER A 4 18.62 -5.37 5.54
N PHE A 5 17.50 -4.75 5.18
CA PHE A 5 17.27 -4.34 3.80
C PHE A 5 16.19 -3.25 3.79
N ASP A 6 16.48 -2.15 3.11
CA ASP A 6 15.54 -1.03 3.02
C ASP A 6 15.41 -0.65 1.55
N ALA A 7 14.27 -0.99 0.96
CA ALA A 7 14.03 -0.70 -0.46
C ALA A 7 14.25 0.77 -0.80
N ARG A 8 14.05 1.65 0.16
CA ARG A 8 14.24 3.08 -0.05
C ARG A 8 15.71 3.39 -0.37
N GLU A 9 16.62 2.71 0.30
CA GLU A 9 18.05 2.90 0.11
C GLU A 9 18.58 2.11 -1.10
N GLN A 10 18.00 0.94 -1.34
CA GLN A 10 18.44 0.09 -2.44
C GLN A 10 18.02 0.57 -3.83
N TRP A 11 16.92 1.29 -3.92
CA TRP A 11 16.44 1.82 -5.20
C TRP A 11 16.22 3.32 -5.06
N PRO A 12 17.31 4.10 -4.97
CA PRO A 12 17.31 5.56 -4.83
C PRO A 12 16.60 6.31 -5.96
N ASN A 13 16.51 5.68 -7.13
CA ASN A 13 15.86 6.33 -8.27
C ASN A 13 14.36 6.12 -8.30
N CYS A 14 13.82 5.53 -7.25
CA CYS A 14 12.39 5.28 -7.15
C CYS A 14 11.82 5.93 -5.91
N PRO A 15 11.56 7.25 -5.99
CA PRO A 15 11.02 7.99 -4.85
C PRO A 15 9.67 7.56 -4.29
N THR A 16 8.85 6.85 -5.08
CA THR A 16 7.56 6.40 -4.56
C THR A 16 7.78 5.46 -3.38
N ILE A 17 8.93 4.79 -3.37
CA ILE A 17 9.23 3.85 -2.29
C ILE A 17 9.27 4.55 -0.93
N LYS A 18 9.63 5.83 -0.93
CA LYS A 18 9.72 6.62 0.30
C LYS A 18 8.41 7.31 0.67
N GLU A 19 7.47 7.35 -0.28
CA GLU A 19 6.18 8.02 -0.06
C GLU A 19 5.21 7.32 0.87
N ILE A 20 4.42 8.14 1.56
CA ILE A 20 3.38 7.66 2.45
C ILE A 20 2.11 8.37 2.01
N ARG A 21 1.06 7.59 1.75
CA ARG A 21 -0.20 8.17 1.29
C ARG A 21 -1.24 8.21 2.41
N ASP A 22 -2.42 8.73 2.10
CA ASP A 22 -3.51 8.82 3.06
C ASP A 22 -4.80 8.31 2.41
N GLN A 23 -5.27 7.16 2.89
CA GLN A 23 -6.48 6.54 2.34
C GLN A 23 -7.74 7.29 2.72
N GLY A 24 -7.62 8.26 3.63
CA GLY A 24 -8.77 9.03 4.05
C GLY A 24 -9.79 8.24 4.84
N SER A 25 -11.02 8.74 4.91
CA SER A 25 -12.09 8.06 5.63
C SER A 25 -12.76 7.06 4.69
N CYS A 26 -12.04 5.98 4.42
CA CYS A 26 -12.51 4.94 3.51
C CYS A 26 -11.68 3.69 3.77
N GLY A 27 -12.33 2.53 3.83
CA GLY A 27 -11.62 1.30 4.10
C GLY A 27 -10.96 0.75 2.84
N SER A 28 -10.09 1.57 2.24
CA SER A 28 -9.42 1.20 1.01
C SER A 28 -7.97 0.76 1.14
N CYS A 29 -7.57 0.33 2.35
CA CYS A 29 -6.19 -0.09 2.54
C CYS A 29 -5.79 -1.18 1.53
N TRP A 30 -6.72 -2.04 1.17
CA TRP A 30 -6.43 -3.10 0.21
C TRP A 30 -5.92 -2.52 -1.10
N ALA A 31 -6.53 -1.41 -1.52
CA ALA A 31 -6.15 -0.73 -2.76
C ALA A 31 -4.86 0.03 -2.62
N PHE A 32 -4.67 0.68 -1.47
CA PHE A 32 -3.45 1.46 -1.25
C PHE A 32 -2.21 0.62 -1.17
N GLY A 33 -2.26 -0.47 -0.41
CA GLY A 33 -1.08 -1.32 -0.30
C GLY A 33 -0.66 -1.77 -1.68
N ALA A 34 -1.65 -2.04 -2.54
CA ALA A 34 -1.41 -2.49 -3.90
C ALA A 34 -0.81 -1.43 -4.83
N VAL A 35 -1.49 -0.30 -4.99
CA VAL A 35 -0.99 0.73 -5.90
C VAL A 35 0.35 1.30 -5.46
N GLU A 36 0.62 1.27 -4.17
CA GLU A 36 1.89 1.79 -3.66
C GLU A 36 3.01 0.86 -4.09
N ALA A 37 2.86 -0.43 -3.83
CA ALA A 37 3.87 -1.42 -4.21
C ALA A 37 3.98 -1.48 -5.73
N ILE A 38 2.85 -1.33 -6.42
CA ILE A 38 2.86 -1.37 -7.88
C ILE A 38 3.65 -0.19 -8.42
N SER A 39 3.45 0.99 -7.82
CA SER A 39 4.18 2.17 -8.25
C SER A 39 5.68 1.90 -8.09
N ASP A 40 6.05 1.32 -6.96
CA ASP A 40 7.46 1.01 -6.69
C ASP A 40 8.03 0.06 -7.75
N ARG A 41 7.29 -1.02 -8.01
CA ARG A 41 7.73 -2.01 -8.98
C ARG A 41 7.79 -1.52 -10.43
N ILE A 42 6.89 -0.63 -10.81
CA ILE A 42 6.92 -0.09 -12.17
C ILE A 42 8.25 0.66 -12.34
N CYS A 43 8.65 1.37 -11.30
CA CYS A 43 9.92 2.11 -11.35
C CYS A 43 11.11 1.16 -11.32
N ILE A 44 11.06 0.18 -10.43
CA ILE A 44 12.15 -0.79 -10.31
C ILE A 44 12.35 -1.59 -11.59
N HIS A 45 11.26 -2.01 -12.23
CA HIS A 45 11.35 -2.78 -13.45
C HIS A 45 10.97 -2.01 -14.71
N SER A 46 11.65 -0.89 -14.94
CA SER A 46 11.41 -0.06 -16.12
C SER A 46 12.45 1.07 -16.15
N ASN A 47 13.62 0.79 -15.60
CA ASN A 47 14.71 1.76 -15.57
C ASN A 47 15.73 1.43 -16.66
N VAL A 50 10.65 4.28 -15.67
CA VAL A 50 9.71 5.39 -15.59
C VAL A 50 9.08 5.47 -14.21
N ASN A 51 8.74 6.68 -13.78
CA ASN A 51 8.15 6.86 -12.47
C ASN A 51 6.67 7.23 -12.61
N VAL A 52 5.80 6.42 -12.01
CA VAL A 52 4.38 6.68 -12.09
C VAL A 52 3.68 6.57 -10.74
N GLU A 53 2.86 7.57 -10.43
CA GLU A 53 2.08 7.56 -9.21
C GLU A 53 0.84 6.81 -9.62
N VAL A 54 0.78 5.51 -9.33
CA VAL A 54 -0.39 4.71 -9.70
C VAL A 54 -1.62 5.16 -8.90
N SER A 55 -2.73 5.35 -9.62
CA SER A 55 -3.98 5.82 -9.05
C SER A 55 -4.70 4.88 -8.08
N ALA A 56 -4.77 5.30 -6.81
CA ALA A 56 -5.49 4.52 -5.81
C ALA A 56 -6.97 4.61 -6.18
N GLU A 57 -7.34 5.76 -6.76
CA GLU A 57 -8.73 6.01 -7.16
C GLU A 57 -9.19 5.00 -8.21
N ASP A 58 -8.36 4.76 -9.23
CA ASP A 58 -8.70 3.84 -10.30
C ASP A 58 -8.91 2.42 -9.73
N MET A 59 -8.01 2.00 -8.86
CA MET A 59 -8.10 0.67 -8.24
C MET A 59 -9.34 0.58 -7.36
N LEU A 60 -9.47 1.55 -6.47
CA LEU A 60 -10.57 1.62 -5.51
C LEU A 60 -11.96 1.62 -6.15
N THR A 61 -12.13 2.45 -7.17
CA THR A 61 -13.44 2.60 -7.79
C THR A 61 -13.81 1.69 -8.97
N CYS A 62 -12.84 1.31 -9.78
CA CYS A 62 -13.16 0.49 -10.95
C CYS A 62 -12.96 -1.02 -10.90
N CYS A 63 -12.27 -1.54 -9.89
CA CYS A 63 -12.09 -2.98 -9.88
C CYS A 63 -13.39 -3.75 -9.69
N GLY A 64 -14.24 -3.29 -8.77
CA GLY A 64 -15.50 -3.96 -8.54
C GLY A 64 -15.42 -5.19 -7.66
N GLY A 65 -16.41 -6.08 -7.79
CA GLY A 65 -16.47 -7.28 -6.99
C GLY A 65 -15.25 -8.16 -6.96
N GLU A 66 -14.49 -8.20 -8.05
CA GLU A 66 -13.31 -9.03 -8.11
C GLU A 66 -12.33 -8.65 -6.99
N CYS A 67 -12.39 -7.40 -6.53
CA CYS A 67 -11.51 -6.92 -5.46
C CYS A 67 -12.20 -6.75 -4.13
N GLY A 68 -13.48 -7.07 -4.05
CA GLY A 68 -14.18 -6.92 -2.80
C GLY A 68 -15.28 -5.89 -2.81
N ASP A 69 -15.23 -4.94 -1.88
CA ASP A 69 -16.28 -3.94 -1.76
C ASP A 69 -15.85 -2.49 -1.54
N GLY A 70 -14.93 -2.00 -2.37
CA GLY A 70 -14.48 -0.62 -2.26
C GLY A 70 -14.10 -0.12 -0.88
N CYS A 71 -14.73 0.97 -0.44
CA CYS A 71 -14.42 1.54 0.88
C CYS A 71 -14.86 0.64 2.02
N ASN A 72 -15.49 -0.49 1.69
CA ASN A 72 -15.94 -1.44 2.70
C ASN A 72 -14.95 -2.59 2.90
N GLY A 73 -13.79 -2.49 2.25
CA GLY A 73 -12.80 -3.53 2.39
C GLY A 73 -12.65 -4.33 1.10
N GLY A 74 -11.51 -4.98 0.94
CA GLY A 74 -11.27 -5.74 -0.28
C GLY A 74 -10.24 -6.85 -0.18
N PHE A 75 -9.89 -7.41 -1.33
CA PHE A 75 -8.94 -8.51 -1.42
C PHE A 75 -7.65 -8.12 -2.13
N PRO A 76 -6.53 -8.05 -1.40
CA PRO A 76 -5.24 -7.67 -1.99
C PRO A 76 -4.91 -8.41 -3.30
N SER A 77 -4.99 -9.74 -3.31
CA SER A 77 -4.67 -10.48 -4.53
C SER A 77 -5.60 -10.05 -5.66
N GLY A 78 -6.82 -9.66 -5.31
CA GLY A 78 -7.76 -9.22 -6.33
C GLY A 78 -7.29 -7.93 -6.97
N ALA A 79 -6.68 -7.07 -6.17
CA ALA A 79 -6.18 -5.79 -6.67
C ALA A 79 -5.07 -5.99 -7.70
N TRP A 80 -4.12 -6.87 -7.41
CA TRP A 80 -3.05 -7.12 -8.36
C TRP A 80 -3.58 -7.76 -9.64
N ASN A 81 -4.66 -8.53 -9.52
CA ASN A 81 -5.29 -9.15 -10.70
C ASN A 81 -5.84 -8.05 -11.61
N PHE A 82 -6.45 -7.04 -11.00
CA PHE A 82 -7.02 -5.94 -11.76
C PHE A 82 -5.93 -5.24 -12.56
N TRP A 83 -4.76 -5.09 -11.93
CA TRP A 83 -3.62 -4.45 -12.59
C TRP A 83 -3.22 -5.22 -13.85
N THR A 84 -3.31 -6.54 -13.80
CA THR A 84 -2.94 -7.35 -14.97
C THR A 84 -4.05 -7.44 -16.01
N LYS A 85 -5.29 -7.37 -15.55
CA LYS A 85 -6.45 -7.48 -16.43
C LYS A 85 -6.89 -6.18 -17.11
N LYS A 86 -7.10 -5.13 -16.31
CA LYS A 86 -7.56 -3.85 -16.83
C LYS A 86 -6.49 -2.77 -16.78
N GLY A 87 -5.44 -2.99 -16.00
CA GLY A 87 -4.38 -2.00 -15.89
C GLY A 87 -4.81 -0.87 -14.97
N LEU A 88 -3.88 0.04 -14.66
CA LEU A 88 -4.15 1.16 -13.78
C LEU A 88 -3.60 2.47 -14.36
N VAL A 89 -4.38 3.53 -14.29
CA VAL A 89 -3.92 4.83 -14.78
C VAL A 89 -3.15 5.52 -13.65
N SER A 90 -2.56 6.67 -13.96
CA SER A 90 -1.81 7.42 -12.95
C SER A 90 -2.77 8.27 -12.12
N GLY A 91 -2.30 8.75 -10.98
CA GLY A 91 -3.14 9.56 -10.12
C GLY A 91 -2.46 9.82 -8.79
N GLY A 92 -2.24 11.09 -8.47
CA GLY A 92 -1.58 11.44 -7.23
C GLY A 92 -2.47 11.65 -6.02
N LEU A 93 -1.96 12.41 -5.06
CA LEU A 93 -2.67 12.70 -3.82
C LEU A 93 -3.88 13.60 -4.01
N TYR A 94 -4.74 13.63 -2.99
CA TYR A 94 -5.94 14.46 -3.02
C TYR A 94 -5.56 15.91 -3.29
N ASN A 95 -6.26 16.53 -4.25
CA ASN A 95 -6.02 17.93 -4.62
C ASN A 95 -4.65 18.23 -5.20
N SER A 96 -3.93 17.19 -5.62
CA SER A 96 -2.60 17.38 -6.21
C SER A 96 -2.68 17.73 -7.69
N HIS A 97 -3.77 17.31 -8.33
CA HIS A 97 -3.98 17.52 -9.75
C HIS A 97 -2.89 16.79 -10.54
N VAL A 98 -2.31 15.77 -9.92
CA VAL A 98 -1.26 14.98 -10.56
C VAL A 98 -1.81 13.70 -11.16
N GLY A 99 -1.56 13.48 -12.44
CA GLY A 99 -2.02 12.27 -13.10
C GLY A 99 -3.46 12.26 -13.58
N CYS A 100 -3.83 11.14 -14.17
CA CYS A 100 -5.17 10.96 -14.71
C CYS A 100 -6.29 11.02 -13.68
N ARG A 101 -6.17 10.24 -12.61
CA ARG A 101 -7.20 10.24 -11.56
C ARG A 101 -6.65 10.34 -10.15
N PRO A 102 -6.44 11.58 -9.66
CA PRO A 102 -5.92 11.82 -8.31
C PRO A 102 -6.96 11.31 -7.31
N TYR A 103 -6.51 11.00 -6.10
CA TYR A 103 -7.42 10.48 -5.06
C TYR A 103 -8.49 11.53 -4.74
N SER A 104 -9.75 11.11 -4.67
CA SER A 104 -10.85 12.04 -4.42
C SER A 104 -11.32 12.14 -2.97
N ILE A 105 -10.72 11.36 -2.08
CA ILE A 105 -11.11 11.38 -0.66
C ILE A 105 -10.07 12.15 0.13
N PRO A 106 -10.50 13.21 0.83
CA PRO A 106 -9.65 14.09 1.64
C PRO A 106 -8.82 13.41 2.73
N PRO A 107 -7.58 13.90 2.94
CA PRO A 107 -6.72 13.32 3.98
C PRO A 107 -7.33 13.67 5.34
N CYS A 108 -7.02 12.90 6.37
CA CYS A 108 -7.57 13.16 7.69
C CYS A 108 -6.62 12.66 8.77
N GLU A 109 -6.95 12.92 10.03
CA GLU A 109 -6.12 12.50 11.15
C GLU A 109 -6.50 11.09 11.60
N HIS A 110 -5.55 10.17 11.47
CA HIS A 110 -5.78 8.78 11.84
C HIS A 110 -5.27 8.48 13.25
N HIS A 111 -6.18 8.51 14.23
CA HIS A 111 -5.83 8.22 15.62
C HIS A 111 -4.73 9.09 16.21
N VAL A 112 -4.65 10.33 15.74
CA VAL A 112 -3.67 11.29 16.23
C VAL A 112 -4.30 12.67 16.10
N ASN A 113 -3.77 13.65 16.82
CA ASN A 113 -4.29 15.00 16.73
C ASN A 113 -3.47 15.74 15.67
N GLY A 114 -4.13 16.64 14.95
CA GLY A 114 -3.44 17.39 13.92
C GLY A 114 -4.29 18.51 13.36
N SER A 115 -3.82 19.12 12.27
CA SER A 115 -4.52 20.22 11.62
C SER A 115 -5.63 19.77 10.68
N ARG A 116 -5.62 18.49 10.29
CA ARG A 116 -6.65 17.96 9.40
C ARG A 116 -7.86 17.50 10.19
N PRO A 117 -9.01 17.35 9.53
CA PRO A 117 -10.20 16.91 10.25
C PRO A 117 -9.97 15.47 10.71
N PRO A 118 -10.61 15.06 11.81
CA PRO A 118 -10.41 13.67 12.25
C PRO A 118 -11.06 12.73 11.26
N CYS A 119 -10.46 11.55 11.07
CA CYS A 119 -11.02 10.58 10.14
C CYS A 119 -12.32 10.04 10.70
N THR A 120 -13.25 9.72 9.79
CA THR A 120 -14.54 9.15 10.16
C THR A 120 -14.61 7.79 9.48
N GLY A 121 -15.12 6.79 10.18
CA GLY A 121 -15.21 5.46 9.58
C GLY A 121 -16.09 5.39 8.37
N GLU A 122 -17.08 6.28 8.30
CA GLU A 122 -18.01 6.29 7.18
C GLU A 122 -17.55 7.09 5.97
N GLY A 123 -17.37 6.38 4.86
CA GLY A 123 -16.95 7.01 3.61
C GLY A 123 -17.44 6.11 2.49
N ASP A 124 -18.06 6.69 1.47
CA ASP A 124 -18.58 5.90 0.36
C ASP A 124 -17.60 5.73 -0.78
N THR A 125 -17.67 4.59 -1.46
CA THR A 125 -16.80 4.31 -2.59
C THR A 125 -17.14 5.28 -3.71
N PRO A 126 -16.14 6.03 -4.21
CA PRO A 126 -16.40 6.98 -5.30
C PRO A 126 -16.75 6.23 -6.58
N LYS A 127 -17.34 6.94 -7.54
CA LYS A 127 -17.72 6.34 -8.82
C LYS A 127 -16.53 5.94 -9.67
N CYS A 128 -16.72 4.93 -10.52
CA CYS A 128 -15.69 4.49 -11.43
C CYS A 128 -15.89 5.33 -12.71
N SER A 129 -15.08 6.37 -12.84
CA SER A 129 -15.16 7.25 -14.01
C SER A 129 -13.94 6.98 -14.87
N LYS A 130 -14.16 6.50 -16.10
CA LYS A 130 -13.07 6.18 -16.99
C LYS A 130 -12.64 7.39 -17.82
N THR A 131 -12.32 8.46 -17.12
CA THR A 131 -11.89 9.72 -17.74
C THR A 131 -10.79 10.30 -16.86
N CYS A 132 -9.98 11.18 -17.43
CA CYS A 132 -8.91 11.81 -16.66
C CYS A 132 -9.31 13.23 -16.28
N GLU A 133 -8.61 13.79 -15.30
CA GLU A 133 -8.89 15.16 -14.87
C GLU A 133 -8.69 16.08 -16.06
N PRO A 134 -9.35 17.24 -16.06
CA PRO A 134 -9.19 18.16 -17.19
C PRO A 134 -7.74 18.66 -17.32
N GLY A 135 -7.27 18.73 -18.55
CA GLY A 135 -5.90 19.18 -18.79
C GLY A 135 -4.88 18.07 -18.89
N TYR A 136 -5.22 16.88 -18.41
CA TYR A 136 -4.28 15.76 -18.45
C TYR A 136 -4.33 14.98 -19.76
N SER A 137 -3.17 14.50 -20.19
CA SER A 137 -3.02 13.70 -21.40
C SER A 137 -2.03 12.60 -21.05
N PRO A 138 -2.16 11.41 -21.66
CA PRO A 138 -3.14 11.01 -22.67
C PRO A 138 -4.52 10.67 -22.09
N SER A 139 -5.35 10.03 -22.91
CA SER A 139 -6.69 9.63 -22.49
C SER A 139 -6.59 8.56 -21.41
N TYR A 140 -7.71 8.31 -20.74
CA TYR A 140 -7.79 7.31 -19.69
C TYR A 140 -7.28 5.95 -20.19
N LYS A 141 -7.80 5.52 -21.33
CA LYS A 141 -7.39 4.24 -21.91
C LYS A 141 -5.89 4.20 -22.19
N GLU A 142 -5.37 5.27 -22.78
CA GLU A 142 -3.95 5.34 -23.11
C GLU A 142 -3.03 5.49 -21.91
N ASP A 143 -3.59 5.87 -20.76
CA ASP A 143 -2.79 6.07 -19.56
C ASP A 143 -2.68 4.83 -18.68
N LYS A 144 -3.29 3.73 -19.12
CA LYS A 144 -3.27 2.48 -18.37
C LYS A 144 -1.90 1.80 -18.35
N HIS A 145 -1.50 1.34 -17.17
CA HIS A 145 -0.24 0.63 -17.00
C HIS A 145 -0.63 -0.78 -16.57
N PHE A 146 -0.17 -1.79 -17.31
CA PHE A 146 -0.52 -3.16 -17.01
C PHE A 146 0.53 -4.00 -16.30
N GLY A 147 0.05 -4.94 -15.50
CA GLY A 147 0.93 -5.86 -14.82
C GLY A 147 0.88 -7.10 -15.70
N CYS A 148 1.97 -7.86 -15.72
CA CYS A 148 1.98 -9.07 -16.54
C CYS A 148 1.95 -10.36 -15.72
N SER A 149 1.82 -10.21 -14.41
CA SER A 149 1.72 -11.35 -13.51
C SER A 149 1.20 -10.89 -12.16
N SER A 150 0.46 -11.77 -11.49
CA SER A 150 -0.11 -11.50 -10.18
C SER A 150 0.00 -12.81 -9.43
N TYR A 151 0.72 -12.81 -8.31
CA TYR A 151 0.91 -14.03 -7.54
C TYR A 151 0.89 -13.83 -6.03
N SER A 152 0.87 -14.95 -5.31
CA SER A 152 0.84 -14.91 -3.86
C SER A 152 2.11 -15.56 -3.30
N VAL A 153 2.80 -14.84 -2.43
CA VAL A 153 4.03 -15.35 -1.85
C VAL A 153 3.68 -16.18 -0.62
N ALA A 154 4.35 -17.31 -0.47
CA ALA A 154 4.11 -18.22 0.65
C ALA A 154 4.36 -17.60 2.02
N ASN A 155 3.70 -18.15 3.03
CA ASN A 155 3.85 -17.69 4.40
C ASN A 155 5.20 -18.26 4.85
N ASN A 156 6.26 -17.69 4.30
CA ASN A 156 7.62 -18.14 4.58
C ASN A 156 8.53 -16.92 4.61
N GLU A 157 9.03 -16.62 5.81
CA GLU A 157 9.90 -15.47 6.02
C GLU A 157 11.00 -15.31 4.97
N LYS A 158 11.74 -16.37 4.72
CA LYS A 158 12.83 -16.32 3.76
C LYS A 158 12.35 -16.06 2.34
N GLU A 159 11.27 -16.71 1.94
CA GLU A 159 10.74 -16.51 0.60
C GLU A 159 10.23 -15.08 0.45
N ILE A 160 9.66 -14.52 1.51
CA ILE A 160 9.14 -13.16 1.46
C ILE A 160 10.31 -12.18 1.34
N MET A 161 11.36 -12.41 2.13
CA MET A 161 12.54 -11.55 2.09
C MET A 161 13.19 -11.62 0.71
N ALA A 162 13.27 -12.82 0.14
CA ALA A 162 13.86 -13.00 -1.17
C ALA A 162 13.09 -12.25 -2.26
N GLU A 163 11.77 -12.31 -2.18
CA GLU A 163 10.89 -11.64 -3.14
C GLU A 163 11.13 -10.13 -3.12
N ILE A 164 11.14 -9.55 -1.92
CA ILE A 164 11.37 -8.13 -1.76
C ILE A 164 12.77 -7.77 -2.27
N TYR A 165 13.75 -8.55 -1.84
CA TYR A 165 15.15 -8.35 -2.22
C TYR A 165 15.34 -8.28 -3.73
N LYS A 166 14.67 -9.18 -4.45
CA LYS A 166 14.81 -9.24 -5.89
C LYS A 166 13.85 -8.37 -6.70
N ASN A 167 12.57 -8.36 -6.31
CA ASN A 167 11.56 -7.64 -7.06
C ASN A 167 10.94 -6.37 -6.46
N GLY A 168 11.31 -6.02 -5.23
CA GLY A 168 10.75 -4.81 -4.65
C GLY A 168 9.66 -5.02 -3.62
N PRO A 169 9.14 -3.93 -3.04
CA PRO A 169 8.07 -3.98 -2.04
C PRO A 169 6.87 -4.83 -2.44
N VAL A 170 6.24 -5.46 -1.47
CA VAL A 170 5.08 -6.29 -1.71
C VAL A 170 3.92 -5.77 -0.86
N GLU A 171 2.73 -6.31 -1.07
CA GLU A 171 1.59 -5.91 -0.27
C GLU A 171 1.35 -7.04 0.72
N GLY A 172 0.95 -6.68 1.94
CA GLY A 172 0.66 -7.69 2.95
C GLY A 172 -0.52 -7.24 3.77
N ALA A 173 -0.90 -8.04 4.76
CA ALA A 173 -2.03 -7.68 5.62
C ALA A 173 -1.88 -8.35 6.97
N PHE A 174 -2.42 -7.70 8.00
CA PHE A 174 -2.35 -8.25 9.35
C PHE A 174 -3.57 -7.83 10.14
N SER A 175 -3.80 -8.52 11.25
CA SER A 175 -4.94 -8.22 12.13
C SER A 175 -4.56 -7.05 13.01
N VAL A 176 -5.40 -6.00 12.98
CA VAL A 176 -5.14 -4.83 13.79
C VAL A 176 -5.90 -4.86 15.11
N TYR A 177 -5.17 -4.74 16.20
CA TYR A 177 -5.76 -4.69 17.54
C TYR A 177 -5.56 -3.25 17.98
N SER A 178 -6.38 -2.76 18.89
CA SER A 178 -6.29 -1.35 19.31
C SER A 178 -4.93 -0.83 19.77
N ASP A 179 -4.08 -1.67 20.34
CA ASP A 179 -2.78 -1.16 20.79
C ASP A 179 -1.89 -0.72 19.63
N PHE A 180 -2.20 -1.17 18.42
CA PHE A 180 -1.43 -0.79 17.25
C PHE A 180 -1.71 0.65 16.86
N LEU A 181 -2.94 1.10 17.11
CA LEU A 181 -3.36 2.45 16.75
C LEU A 181 -2.47 3.55 17.30
N LEU A 182 -1.89 3.33 18.48
CA LEU A 182 -1.03 4.30 19.13
C LEU A 182 0.46 4.14 18.86
N TYR A 183 0.82 3.25 17.94
CA TYR A 183 2.22 3.00 17.62
C TYR A 183 2.97 4.31 17.30
N LYS A 184 4.19 4.41 17.81
CA LYS A 184 5.02 5.60 17.57
C LYS A 184 6.43 5.20 17.11
N SER A 185 6.97 4.15 17.72
CA SER A 185 8.31 3.69 17.38
C SER A 185 8.60 2.29 17.90
N GLY A 186 9.77 1.77 17.57
CA GLY A 186 10.16 0.44 18.02
C GLY A 186 9.52 -0.65 17.17
N VAL A 187 9.64 -1.90 17.62
CA VAL A 187 9.07 -3.02 16.90
C VAL A 187 7.74 -3.41 17.53
N TYR A 188 6.66 -3.21 16.78
CA TYR A 188 5.33 -3.51 17.30
C TYR A 188 5.10 -5.00 17.56
N GLN A 189 4.55 -5.27 18.74
CA GLN A 189 4.19 -6.62 19.15
C GLN A 189 2.86 -6.47 19.90
N HIS A 190 1.85 -7.18 19.42
CA HIS A 190 0.52 -7.14 19.99
C HIS A 190 0.43 -7.71 21.41
N VAL A 191 -0.10 -6.91 22.34
CA VAL A 191 -0.24 -7.36 23.72
C VAL A 191 -1.66 -7.12 24.26
N SER A 192 -2.35 -6.13 23.73
CA SER A 192 -3.70 -5.85 24.22
C SER A 192 -4.58 -5.08 23.24
N GLY A 193 -5.87 -5.01 23.55
CA GLY A 193 -6.80 -4.29 22.70
C GLY A 193 -7.75 -5.15 21.88
N GLU A 194 -8.96 -4.63 21.66
CA GLU A 194 -9.96 -5.35 20.90
C GLU A 194 -9.56 -5.39 19.42
N ILE A 195 -10.03 -6.41 18.71
CA ILE A 195 -9.72 -6.57 17.30
C ILE A 195 -10.42 -5.47 16.50
N MET A 196 -9.68 -4.83 15.60
CA MET A 196 -10.22 -3.74 14.78
C MET A 196 -10.54 -4.22 13.36
N GLY A 197 -9.97 -5.35 12.98
CA GLY A 197 -10.19 -5.88 11.65
C GLY A 197 -8.88 -6.04 10.89
N GLY A 198 -8.96 -6.53 9.66
CA GLY A 198 -7.76 -6.72 8.86
C GLY A 198 -7.29 -5.40 8.27
N HIS A 199 -5.99 -5.29 8.00
CA HIS A 199 -5.43 -4.06 7.46
C HIS A 199 -4.31 -4.37 6.46
N ALA A 200 -4.49 -3.95 5.22
CA ALA A 200 -3.50 -4.18 4.19
C ALA A 200 -2.45 -3.07 4.20
N ILE A 201 -1.19 -3.44 4.01
CA ILE A 201 -0.10 -2.47 4.03
C ILE A 201 0.97 -2.82 3.00
N ARG A 202 2.05 -2.04 2.99
CA ARG A 202 3.15 -2.25 2.05
C ARG A 202 4.43 -2.59 2.81
N ILE A 203 4.99 -3.76 2.55
CA ILE A 203 6.24 -4.18 3.22
C ILE A 203 7.40 -3.89 2.28
N LEU A 204 8.30 -3.02 2.72
CA LEU A 204 9.43 -2.61 1.89
C LEU A 204 10.81 -2.95 2.43
N GLY A 205 10.88 -3.82 3.42
CA GLY A 205 12.19 -4.17 3.95
C GLY A 205 12.13 -4.89 5.28
N TRP A 206 13.29 -5.03 5.92
CA TRP A 206 13.38 -5.71 7.20
C TRP A 206 14.67 -5.34 7.92
N GLY A 207 14.77 -5.70 9.18
CA GLY A 207 15.95 -5.42 9.95
C GLY A 207 15.85 -6.04 11.33
N VAL A 208 16.73 -5.62 12.22
CA VAL A 208 16.75 -6.13 13.59
C VAL A 208 16.94 -4.94 14.51
N GLU A 209 16.06 -4.79 15.49
CA GLU A 209 16.17 -3.69 16.44
C GLU A 209 16.24 -4.25 17.86
N ASN A 210 17.35 -4.00 18.54
CA ASN A 210 17.53 -4.49 19.90
C ASN A 210 17.34 -6.00 19.97
N GLY A 211 17.83 -6.70 18.95
CA GLY A 211 17.71 -8.15 18.92
C GLY A 211 16.36 -8.67 18.44
N THR A 212 15.46 -7.77 18.08
CA THR A 212 14.14 -8.16 17.61
C THR A 212 14.00 -8.00 16.11
N PRO A 213 13.81 -9.12 15.38
CA PRO A 213 13.67 -9.07 13.92
C PRO A 213 12.34 -8.40 13.55
N TYR A 214 12.36 -7.57 12.51
CA TYR A 214 11.14 -6.87 12.11
C TYR A 214 11.00 -6.65 10.62
N TRP A 215 9.79 -6.26 10.23
CA TRP A 215 9.45 -5.94 8.86
C TRP A 215 9.31 -4.42 8.83
N LEU A 216 9.84 -3.79 7.78
CA LEU A 216 9.73 -2.34 7.62
C LEU A 216 8.46 -2.15 6.81
N VAL A 217 7.49 -1.44 7.38
CA VAL A 217 6.20 -1.27 6.73
C VAL A 217 5.71 0.16 6.54
N GLY A 218 5.09 0.41 5.39
CA GLY A 218 4.54 1.72 5.12
C GLY A 218 3.03 1.65 5.29
N ASN A 219 2.48 2.48 6.17
CA ASN A 219 1.04 2.51 6.40
C ASN A 219 0.44 3.59 5.50
N SER A 220 -0.88 3.61 5.38
CA SER A 220 -1.56 4.59 4.54
C SER A 220 -2.41 5.55 5.37
N TRP A 221 -1.87 5.98 6.51
CA TRP A 221 -2.56 6.89 7.41
C TRP A 221 -1.83 8.24 7.54
N ASN A 222 -1.20 8.67 6.45
CA ASN A 222 -0.47 9.93 6.39
C ASN A 222 0.82 9.87 7.21
N THR A 223 1.60 10.95 7.15
CA THR A 223 2.88 11.02 7.83
C THR A 223 2.90 11.38 9.32
N ASP A 224 1.79 11.87 9.86
CA ASP A 224 1.80 12.22 11.28
C ASP A 224 1.36 11.07 12.18
N TRP A 225 1.10 9.91 11.59
CA TRP A 225 0.74 8.73 12.36
C TRP A 225 2.00 7.87 12.42
N GLY A 226 2.21 7.19 13.55
CA GLY A 226 3.37 6.32 13.68
C GLY A 226 4.73 6.98 13.52
N ASP A 227 5.64 6.27 12.87
CA ASP A 227 7.00 6.77 12.65
C ASP A 227 7.07 7.39 11.26
N ASN A 228 6.62 8.63 11.14
CA ASN A 228 6.61 9.33 9.87
C ASN A 228 5.76 8.56 8.85
N GLY A 229 4.75 7.84 9.35
CA GLY A 229 3.88 7.09 8.47
C GLY A 229 4.25 5.62 8.34
N PHE A 230 5.46 5.28 8.78
CA PHE A 230 5.95 3.90 8.72
C PHE A 230 5.87 3.27 10.11
N PHE A 231 6.11 1.96 10.15
CA PHE A 231 6.13 1.22 11.40
C PHE A 231 6.90 -0.07 11.21
N LYS A 232 7.33 -0.66 12.31
CA LYS A 232 8.06 -1.92 12.26
C LYS A 232 7.22 -2.92 13.06
N ILE A 233 7.15 -4.15 12.57
CA ILE A 233 6.38 -5.18 13.25
C ILE A 233 7.21 -6.47 13.33
N LEU A 234 7.01 -7.23 14.40
CA LEU A 234 7.73 -8.48 14.62
C LEU A 234 7.74 -9.36 13.37
N ARG A 235 8.92 -9.85 13.02
CA ARG A 235 9.10 -10.70 11.85
C ARG A 235 9.50 -12.13 12.22
N GLY A 236 9.01 -13.10 11.45
CA GLY A 236 9.37 -14.48 11.69
C GLY A 236 8.42 -15.37 12.47
N GLN A 237 7.38 -14.79 13.06
CA GLN A 237 6.42 -15.57 13.84
C GLN A 237 5.01 -15.43 13.27
N ASP A 238 4.91 -14.92 12.05
CA ASP A 238 3.62 -14.67 11.41
C ASP A 238 2.76 -13.92 12.41
N HIS A 239 3.38 -12.95 13.08
CA HIS A 239 2.71 -12.15 14.10
C HIS A 239 1.53 -11.37 13.52
N CYS A 240 0.34 -11.60 14.11
CA CYS A 240 -0.89 -10.95 13.66
C CYS A 240 -1.15 -11.30 12.19
N GLY A 241 -0.51 -12.36 11.72
CA GLY A 241 -0.68 -12.80 10.34
C GLY A 241 0.05 -11.97 9.30
N ILE A 242 1.04 -11.21 9.73
CA ILE A 242 1.81 -10.34 8.82
C ILE A 242 2.46 -11.07 7.64
N GLU A 243 2.73 -12.36 7.80
CA GLU A 243 3.36 -13.13 6.74
C GLU A 243 2.37 -14.06 6.01
N SER A 244 1.10 -14.00 6.40
CA SER A 244 0.08 -14.90 5.84
C SER A 244 -0.67 -14.48 4.58
N GLU A 245 -0.54 -13.23 4.17
CA GLU A 245 -1.27 -12.76 3.00
C GLU A 245 -0.42 -11.85 2.12
N ILE A 246 0.78 -12.31 1.77
CA ILE A 246 1.69 -11.54 0.93
C ILE A 246 1.35 -11.74 -0.55
N VAL A 247 1.21 -10.64 -1.27
CA VAL A 247 0.89 -10.70 -2.69
C VAL A 247 1.74 -9.69 -3.46
N ALA A 248 1.98 -10.00 -4.73
CA ALA A 248 2.78 -9.11 -5.57
C ALA A 248 2.54 -9.45 -7.03
N GLY A 249 3.40 -8.91 -7.89
CA GLY A 249 3.27 -9.15 -9.31
C GLY A 249 4.34 -8.35 -10.03
N MET A 250 4.50 -8.61 -11.32
CA MET A 250 5.50 -7.92 -12.13
C MET A 250 4.85 -7.12 -13.26
N PRO A 251 5.38 -5.92 -13.51
CA PRO A 251 4.81 -5.10 -14.59
C PRO A 251 5.18 -5.65 -15.95
N CYS A 252 4.38 -5.34 -16.96
CA CYS A 252 4.68 -5.79 -18.30
C CYS A 252 5.88 -4.96 -18.73
N THR A 253 6.79 -5.58 -19.49
CA THR A 253 8.01 -4.95 -19.97
C THR A 253 8.05 -3.43 -19.77
#